data_3EGE
#
_entry.id   3EGE
#
_cell.length_a   76.609
_cell.length_b   76.609
_cell.length_c   134.815
_cell.angle_alpha   90.000
_cell.angle_beta   90.000
_cell.angle_gamma   120.000
#
_symmetry.space_group_name_H-M   'P 31 2 1'
#
loop_
_entity.id
_entity.type
_entity.pdbx_description
1 polymer 'Putative methyltransferase from antibiotic biosynthesis pathway'
2 non-polymer 1,2-ETHANEDIOL
3 water water
#
_entity_poly.entity_id   1
_entity_poly.type   'polypeptide(L)'
_entity_poly.pdbx_seq_one_letter_code
;G(MSE)SIYNSIGKQYSQTRVPDIRIVNAIINLLNLPKGSVIADIGAGTGGYSVALANQGLFVYAVEPSIV(MSE)RQQA
VVHPQVEWFTGYAENLALPDKSVDGVISILAIHHFSHLEKSFQE(MSE)QRIIRDGTIVLLTFDIRLAQRIWLYDYFPFL
WEDALRFLPLDEQINLLQENTKRRVEAIPFLLPHDLSDLFAAAAWRRPELYLKAEVRAGISSFALANQDLVEKGLELLTA
DLNNGEWIRKYGEIHHLQEIDIGYRFIYTTLDK
;
_entity_poly.pdbx_strand_id   A
#
loop_
_chem_comp.id
_chem_comp.type
_chem_comp.name
_chem_comp.formula
EDO non-polymer 1,2-ETHANEDIOL 'C2 H6 O2'
#
# COMPACT_ATOMS: atom_id res chain seq x y z
N SER A 13 4.92 8.76 -8.13
CA SER A 13 4.21 7.90 -9.15
C SER A 13 4.97 7.92 -10.49
N GLN A 14 6.30 7.77 -10.39
CA GLN A 14 7.23 7.63 -11.54
C GLN A 14 7.66 6.15 -11.53
N THR A 15 8.07 5.66 -10.35
CA THR A 15 8.34 4.24 -10.09
C THR A 15 7.14 3.55 -9.38
N ARG A 16 6.18 4.33 -8.86
CA ARG A 16 4.96 3.81 -8.18
C ARG A 16 3.78 3.86 -9.15
N VAL A 17 3.97 3.16 -10.27
CA VAL A 17 2.99 3.11 -11.37
C VAL A 17 1.98 2.04 -10.93
N PRO A 18 0.68 2.40 -10.76
CA PRO A 18 -0.29 1.40 -10.25
C PRO A 18 -0.33 0.13 -11.10
N ASP A 19 -0.31 -1.04 -10.45
CA ASP A 19 -0.27 -2.31 -11.15
C ASP A 19 -1.69 -2.82 -11.32
N ILE A 20 -1.99 -3.30 -12.53
CA ILE A 20 -3.35 -3.76 -12.91
C ILE A 20 -3.86 -4.94 -12.07
N ARG A 21 -2.93 -5.76 -11.55
CA ARG A 21 -3.29 -6.88 -10.67
C ARG A 21 -3.79 -6.41 -9.31
N ILE A 22 -3.19 -5.33 -8.81
CA ILE A 22 -3.67 -4.71 -7.58
C ILE A 22 -5.04 -4.08 -7.84
N VAL A 23 -5.18 -3.35 -8.96
CA VAL A 23 -6.48 -2.71 -9.33
C VAL A 23 -7.59 -3.76 -9.48
N ASN A 24 -7.32 -4.84 -10.21
CA ASN A 24 -8.27 -5.96 -10.39
C ASN A 24 -8.67 -6.59 -9.04
N ALA A 25 -7.70 -6.74 -8.14
CA ALA A 25 -7.92 -7.23 -6.76
C ALA A 25 -8.88 -6.31 -6.00
N ILE A 26 -8.61 -5.01 -6.03
CA ILE A 26 -9.46 -3.98 -5.37
C ILE A 26 -10.88 -3.98 -5.98
N ILE A 27 -10.95 -3.97 -7.32
CA ILE A 27 -12.22 -4.01 -8.05
C ILE A 27 -13.04 -5.24 -7.67
N ASN A 28 -12.39 -6.41 -7.56
CA ASN A 28 -13.09 -7.67 -7.22
C ASN A 28 -13.65 -7.64 -5.79
N LEU A 29 -12.85 -7.14 -4.84
CA LEU A 29 -13.30 -7.00 -3.45
C LEU A 29 -14.43 -5.96 -3.25
N LEU A 30 -14.42 -4.91 -4.07
CA LEU A 30 -15.44 -3.86 -4.03
C LEU A 30 -16.76 -4.36 -4.56
N ASN A 31 -16.69 -5.13 -5.64
CA ASN A 31 -17.86 -5.73 -6.27
C ASN A 31 -19.02 -4.71 -6.46
N LEU A 32 -18.67 -3.58 -7.05
CA LEU A 32 -19.59 -2.48 -7.30
C LEU A 32 -19.94 -2.38 -8.77
N PRO A 33 -21.18 -1.97 -9.10
CA PRO A 33 -21.47 -1.72 -10.50
C PRO A 33 -20.83 -0.42 -10.99
N LYS A 34 -20.69 -0.32 -12.31
CA LYS A 34 -20.15 0.88 -12.98
C LYS A 34 -21.03 2.08 -12.60
N GLY A 35 -20.38 3.18 -12.25
CA GLY A 35 -21.05 4.41 -11.80
C GLY A 35 -21.23 4.53 -10.30
N SER A 36 -20.70 3.59 -9.53
CA SER A 36 -20.71 3.67 -8.07
C SER A 36 -19.63 4.68 -7.64
N VAL A 37 -19.76 5.16 -6.40
CA VAL A 37 -18.87 6.14 -5.80
C VAL A 37 -18.10 5.44 -4.68
N ILE A 38 -16.77 5.69 -4.65
CA ILE A 38 -15.91 5.22 -3.61
C ILE A 38 -15.09 6.36 -3.00
N ALA A 39 -14.73 6.20 -1.73
CA ALA A 39 -13.82 7.11 -1.04
C ALA A 39 -12.50 6.36 -1.00
N ASP A 40 -11.41 7.09 -1.33
CA ASP A 40 -10.01 6.59 -1.27
C ASP A 40 -9.35 7.42 -0.16
N ILE A 41 -9.19 6.78 1.00
CA ILE A 41 -8.66 7.43 2.21
C ILE A 41 -7.18 7.16 2.25
N GLY A 42 -6.39 8.23 2.24
CA GLY A 42 -4.94 8.17 2.17
C GLY A 42 -4.62 7.87 0.72
N ALA A 43 -5.08 8.75 -0.17
CA ALA A 43 -4.95 8.56 -1.62
C ALA A 43 -3.50 8.74 -2.11
N GLY A 44 -2.70 9.45 -1.32
CA GLY A 44 -1.30 9.72 -1.64
C GLY A 44 -1.20 10.49 -2.93
N THR A 45 -0.50 9.93 -3.92
CA THR A 45 -0.36 10.59 -5.23
C THR A 45 -1.61 10.47 -6.13
N GLY A 46 -2.58 9.64 -5.73
CA GLY A 46 -3.82 9.45 -6.50
C GLY A 46 -3.72 8.51 -7.68
N GLY A 47 -2.63 7.76 -7.79
CA GLY A 47 -2.45 6.79 -8.87
C GLY A 47 -3.56 5.76 -8.89
N TYR A 48 -3.85 5.14 -7.73
CA TYR A 48 -4.96 4.18 -7.61
C TYR A 48 -6.36 4.81 -7.75
N SER A 49 -6.49 6.06 -7.28
CA SER A 49 -7.71 6.87 -7.43
C SER A 49 -8.07 7.00 -8.90
N VAL A 50 -7.09 7.40 -9.70
CA VAL A 50 -7.26 7.55 -11.17
C VAL A 50 -7.46 6.20 -11.86
N ALA A 51 -6.65 5.22 -11.45
CA ALA A 51 -6.73 3.86 -11.98
C ALA A 51 -8.13 3.24 -11.76
N LEU A 52 -8.68 3.41 -10.57
CA LEU A 52 -10.05 2.96 -10.24
C LEU A 52 -11.12 3.83 -10.89
N ALA A 53 -10.87 5.14 -11.02
CA ALA A 53 -11.79 6.03 -11.75
C ALA A 53 -11.91 5.54 -13.20
N ASN A 54 -10.77 5.19 -13.80
CA ASN A 54 -10.74 4.62 -15.16
C ASN A 54 -11.42 3.27 -15.32
N GLN A 55 -11.76 2.59 -14.22
CA GLN A 55 -12.58 1.35 -14.27
C GLN A 55 -14.08 1.63 -14.30
N GLY A 56 -14.51 2.89 -14.29
CA GLY A 56 -15.93 3.27 -14.27
C GLY A 56 -16.48 3.54 -12.89
N LEU A 57 -15.68 4.18 -12.04
CA LEU A 57 -16.10 4.60 -10.70
C LEU A 57 -15.87 6.08 -10.49
N PHE A 58 -16.69 6.70 -9.62
CA PHE A 58 -16.45 8.08 -9.17
C PHE A 58 -15.63 7.89 -7.89
N VAL A 59 -14.56 8.67 -7.72
CA VAL A 59 -13.65 8.54 -6.57
C VAL A 59 -13.52 9.87 -5.81
N TYR A 60 -13.74 9.81 -4.48
CA TYR A 60 -13.49 10.95 -3.59
C TYR A 60 -12.14 10.64 -2.90
N ALA A 61 -11.08 11.30 -3.37
CA ALA A 61 -9.70 11.12 -2.87
C ALA A 61 -9.47 12.01 -1.67
N VAL A 62 -9.10 11.42 -0.53
CA VAL A 62 -8.76 12.16 0.70
C VAL A 62 -7.29 11.88 1.02
N GLU A 63 -6.48 12.96 1.11
CA GLU A 63 -5.05 12.90 1.39
C GLU A 63 -4.58 14.16 2.14
N PRO A 64 -3.98 14.05 3.35
CA PRO A 64 -3.53 15.28 4.07
C PRO A 64 -2.37 16.07 3.42
N SER A 65 -1.48 15.37 2.72
CA SER A 65 -0.31 15.97 2.05
C SER A 65 -0.72 16.95 0.95
N ILE A 66 -0.43 18.24 1.18
CA ILE A 66 -0.73 19.29 0.21
C ILE A 66 0.16 19.13 -1.03
N VAL A 67 1.39 18.62 -0.83
CA VAL A 67 2.35 18.28 -1.88
C VAL A 67 1.72 17.26 -2.83
N MSE A 68 1.47 16.03 -2.31
CA MSE A 68 0.86 14.90 -3.08
C MSE A 68 -0.46 15.23 -3.87
O MSE A 68 -0.81 14.47 -4.78
CB MSE A 68 0.73 13.62 -2.22
CG MSE A 68 2.01 12.76 -2.01
SE MSE A 68 1.91 11.28 -0.55
CE MSE A 68 3.45 10.15 -1.01
N ARG A 69 -1.17 16.32 -3.52
CA ARG A 69 -2.33 16.80 -4.31
C ARG A 69 -1.84 17.35 -5.65
N GLN A 70 -0.83 18.23 -5.59
CA GLN A 70 -0.22 18.86 -6.77
C GLN A 70 0.39 17.80 -7.70
N GLN A 71 1.17 16.87 -7.14
CA GLN A 71 1.67 15.69 -7.88
C GLN A 71 0.50 14.69 -8.09
N ALA A 72 -0.42 15.03 -9.01
CA ALA A 72 -1.61 14.20 -9.29
C ALA A 72 -2.33 14.59 -10.58
N VAL A 73 -2.77 13.58 -11.32
CA VAL A 73 -3.50 13.75 -12.59
C VAL A 73 -4.93 14.26 -12.33
N VAL A 74 -5.27 15.40 -12.92
CA VAL A 74 -6.63 15.94 -12.86
C VAL A 74 -7.47 14.97 -13.70
N HIS A 75 -8.50 14.39 -13.09
CA HIS A 75 -9.36 13.41 -13.75
C HIS A 75 -10.82 13.83 -13.51
N PRO A 76 -11.67 13.75 -14.56
CA PRO A 76 -13.07 14.18 -14.40
C PRO A 76 -13.91 13.46 -13.32
N GLN A 77 -13.59 12.18 -13.05
CA GLN A 77 -14.27 11.34 -12.07
C GLN A 77 -13.55 11.19 -10.71
N VAL A 78 -12.52 12.02 -10.47
CA VAL A 78 -11.81 12.04 -9.19
C VAL A 78 -12.01 13.42 -8.56
N GLU A 79 -12.49 13.46 -7.30
CA GLU A 79 -12.60 14.70 -6.52
C GLU A 79 -11.56 14.67 -5.41
N TRP A 80 -10.73 15.71 -5.33
CA TRP A 80 -9.65 15.77 -4.35
C TRP A 80 -9.98 16.61 -3.11
N PHE A 81 -9.80 15.97 -1.95
CA PHE A 81 -9.99 16.56 -0.63
C PHE A 81 -8.68 16.45 0.19
N THR A 82 -8.21 17.59 0.70
CA THR A 82 -7.06 17.63 1.60
C THR A 82 -7.58 17.57 3.04
N GLY A 83 -7.19 16.52 3.76
CA GLY A 83 -7.63 16.33 5.13
C GLY A 83 -7.10 15.02 5.66
N TYR A 84 -7.30 14.80 6.95
CA TYR A 84 -6.85 13.61 7.64
C TYR A 84 -7.95 12.55 7.71
N ALA A 85 -7.53 11.30 7.77
CA ALA A 85 -8.44 10.14 7.85
C ALA A 85 -9.42 10.16 9.02
N GLU A 86 -9.00 10.75 10.14
CA GLU A 86 -9.81 10.82 11.38
C GLU A 86 -10.96 11.84 11.38
N ASN A 87 -10.99 12.71 10.36
CA ASN A 87 -12.00 13.74 10.23
C ASN A 87 -12.23 14.05 8.75
N LEU A 88 -13.08 13.23 8.14
CA LEU A 88 -13.43 13.36 6.73
C LEU A 88 -14.53 14.41 6.58
N ALA A 89 -14.38 15.31 5.60
CA ALA A 89 -15.39 16.35 5.28
C ALA A 89 -16.60 15.79 4.49
N LEU A 90 -16.55 14.52 4.10
CA LEU A 90 -17.57 13.88 3.30
C LEU A 90 -18.81 13.61 4.16
N PRO A 91 -20.02 13.83 3.61
CA PRO A 91 -21.20 13.56 4.41
C PRO A 91 -21.43 12.09 4.78
N ASP A 92 -22.36 11.88 5.70
CA ASP A 92 -22.80 10.55 6.11
C ASP A 92 -23.42 9.89 4.87
N LYS A 93 -23.13 8.60 4.68
CA LYS A 93 -23.76 7.83 3.61
C LYS A 93 -23.66 8.49 2.20
N SER A 94 -22.45 8.92 1.88
CA SER A 94 -22.11 9.63 0.64
C SER A 94 -21.33 8.81 -0.40
N VAL A 95 -20.88 7.62 -0.01
CA VAL A 95 -20.16 6.73 -0.92
C VAL A 95 -20.69 5.32 -0.79
N ASP A 96 -20.53 4.56 -1.88
CA ASP A 96 -20.95 3.15 -1.97
C ASP A 96 -19.89 2.22 -1.42
N GLY A 97 -18.61 2.58 -1.57
CA GLY A 97 -17.49 1.83 -1.06
C GLY A 97 -16.33 2.71 -0.61
N VAL A 98 -15.39 2.11 0.12
CA VAL A 98 -14.28 2.80 0.69
C VAL A 98 -13.04 1.94 0.53
N ILE A 99 -11.93 2.57 0.13
CA ILE A 99 -10.63 1.90 0.03
C ILE A 99 -9.49 2.68 0.74
N SER A 100 -8.48 1.95 1.18
CA SER A 100 -7.21 2.56 1.64
C SER A 100 -6.10 1.59 1.23
N ILE A 101 -5.33 2.01 0.24
CA ILE A 101 -4.29 1.19 -0.38
C ILE A 101 -2.92 1.57 0.17
N LEU A 102 -2.39 0.70 1.05
CA LEU A 102 -1.08 0.90 1.72
C LEU A 102 -0.93 2.32 2.31
N ALA A 103 -1.93 2.68 3.12
CA ALA A 103 -2.02 3.99 3.76
C ALA A 103 -2.36 4.00 5.25
N ILE A 104 -3.19 3.07 5.73
CA ILE A 104 -3.70 3.07 7.12
C ILE A 104 -2.64 3.11 8.23
N HIS A 105 -1.45 2.59 7.91
CA HIS A 105 -0.28 2.66 8.79
C HIS A 105 0.25 4.06 9.02
N HIS A 106 -0.13 5.00 8.13
CA HIS A 106 0.20 6.40 8.28
C HIS A 106 -0.86 7.18 9.08
N PHE A 107 -1.99 6.58 9.47
CA PHE A 107 -3.03 7.30 10.22
C PHE A 107 -2.66 7.38 11.71
N SER A 108 -2.97 8.52 12.33
CA SER A 108 -2.63 8.75 13.75
C SER A 108 -3.69 8.18 14.73
N HIS A 109 -4.96 8.17 14.34
CA HIS A 109 -6.05 7.60 15.21
C HIS A 109 -6.81 6.63 14.33
N LEU A 110 -6.29 5.40 14.26
CA LEU A 110 -6.81 4.34 13.38
C LEU A 110 -8.27 3.96 13.64
N GLU A 111 -8.66 3.93 14.91
CA GLU A 111 -10.01 3.57 15.31
C GLU A 111 -11.03 4.58 14.79
N LYS A 112 -10.80 5.86 15.07
CA LYS A 112 -11.65 6.94 14.57
C LYS A 112 -11.69 6.96 13.01
N SER A 113 -10.56 6.69 12.36
CA SER A 113 -10.51 6.59 10.88
C SER A 113 -11.42 5.47 10.35
N PHE A 114 -11.42 4.35 11.07
CA PHE A 114 -12.32 3.23 10.76
C PHE A 114 -13.78 3.61 10.94
N GLN A 115 -14.09 4.25 12.08
CA GLN A 115 -15.44 4.78 12.38
C GLN A 115 -15.92 5.74 11.30
N GLU A 116 -15.00 6.60 10.83
CA GLU A 116 -15.25 7.52 9.70
C GLU A 116 -15.59 6.81 8.38
N MSE A 117 -14.91 5.70 8.09
CA MSE A 117 -15.20 4.92 6.89
C MSE A 117 -16.59 4.33 6.95
O MSE A 117 -17.33 4.42 5.98
CB MSE A 117 -14.19 3.79 6.67
CG MSE A 117 -12.77 4.29 6.35
SE MSE A 117 -11.53 2.87 6.29
CE MSE A 117 -9.83 3.91 5.99
N GLN A 118 -16.95 3.77 8.11
CA GLN A 118 -18.29 3.25 8.33
C GLN A 118 -19.37 4.34 8.24
N ARG A 119 -19.05 5.55 8.68
CA ARG A 119 -20.01 6.67 8.66
C ARG A 119 -20.38 7.10 7.24
N ILE A 120 -19.39 7.12 6.36
CA ILE A 120 -19.58 7.57 4.97
C ILE A 120 -20.14 6.52 4.01
N ILE A 121 -20.01 5.25 4.39
CA ILE A 121 -20.38 4.14 3.50
C ILE A 121 -21.89 3.79 3.50
N ARG A 122 -22.41 3.43 2.33
CA ARG A 122 -23.78 2.96 2.14
C ARG A 122 -23.81 1.41 2.21
N ASP A 123 -24.08 0.69 1.10
CA ASP A 123 -24.21 -0.80 1.12
C ASP A 123 -22.98 -1.59 0.76
N GLY A 124 -21.93 -0.94 0.24
CA GLY A 124 -20.75 -1.65 -0.20
C GLY A 124 -19.78 -2.06 0.89
N THR A 125 -18.53 -2.29 0.44
CA THR A 125 -17.49 -2.84 1.27
C THR A 125 -16.29 -1.90 1.43
N ILE A 126 -15.60 -2.10 2.56
CA ILE A 126 -14.38 -1.42 2.91
C ILE A 126 -13.28 -2.43 2.49
N VAL A 127 -12.36 -1.98 1.63
CA VAL A 127 -11.25 -2.79 1.13
C VAL A 127 -9.94 -2.09 1.52
N LEU A 128 -9.17 -2.71 2.41
CA LEU A 128 -7.87 -2.18 2.87
C LEU A 128 -6.73 -3.06 2.37
N LEU A 129 -5.77 -2.51 1.62
CA LEU A 129 -4.54 -3.23 1.27
C LEU A 129 -3.57 -2.75 2.34
N THR A 130 -3.17 -3.69 3.19
CA THR A 130 -2.32 -3.43 4.35
C THR A 130 -1.28 -4.55 4.46
N PHE A 131 -0.62 -4.64 5.60
CA PHE A 131 0.41 -5.60 5.82
C PHE A 131 0.66 -5.92 7.30
N ASP A 132 1.37 -7.03 7.49
CA ASP A 132 1.96 -7.43 8.73
C ASP A 132 3.29 -8.16 8.42
N ILE A 133 4.41 -7.46 8.65
CA ILE A 133 5.76 -8.00 8.42
C ILE A 133 6.04 -9.31 9.23
N ARG A 134 5.38 -9.45 10.39
CA ARG A 134 5.43 -10.65 11.24
C ARG A 134 4.94 -11.91 10.53
N LEU A 135 4.13 -11.74 9.46
CA LEU A 135 3.60 -12.85 8.65
C LEU A 135 4.41 -13.13 7.39
N ALA A 136 5.40 -12.28 7.09
CA ALA A 136 6.25 -12.45 5.93
C ALA A 136 7.26 -13.61 6.10
N GLN A 137 7.64 -14.16 4.97
CA GLN A 137 8.67 -15.15 4.90
C GLN A 137 10.02 -14.39 4.82
N ARG A 138 11.10 -15.10 5.14
CA ARG A 138 12.47 -14.56 5.11
C ARG A 138 12.77 -13.90 3.74
N ILE A 139 13.15 -12.62 3.73
CA ILE A 139 13.49 -11.88 2.50
C ILE A 139 14.90 -11.36 2.65
N TRP A 140 15.72 -11.57 1.61
CA TRP A 140 17.08 -11.04 1.52
C TRP A 140 17.20 -9.52 1.74
N LEU A 141 16.18 -8.76 1.28
CA LEU A 141 16.15 -7.30 1.29
C LEU A 141 16.55 -6.65 2.61
N TYR A 142 16.05 -7.23 3.69
CA TYR A 142 16.27 -6.67 5.04
C TYR A 142 17.65 -6.92 5.62
N ASP A 143 18.41 -7.82 5.01
CA ASP A 143 19.79 -8.01 5.38
C ASP A 143 20.70 -6.87 4.88
N TYR A 144 20.23 -6.13 3.87
CA TYR A 144 20.92 -4.96 3.35
C TYR A 144 20.31 -3.64 3.81
N PHE A 145 18.99 -3.62 3.97
CA PHE A 145 18.23 -2.41 4.36
C PHE A 145 17.32 -2.70 5.57
N PRO A 146 17.91 -2.83 6.77
CA PRO A 146 17.11 -3.22 7.99
C PRO A 146 15.99 -2.24 8.38
N PHE A 147 16.22 -0.96 8.08
CA PHE A 147 15.24 0.09 8.33
C PHE A 147 13.87 -0.18 7.72
N LEU A 148 13.81 -0.82 6.55
CA LEU A 148 12.53 -1.19 5.91
C LEU A 148 11.73 -2.16 6.76
N TRP A 149 12.41 -3.12 7.38
CA TRP A 149 11.81 -4.12 8.24
C TRP A 149 11.34 -3.52 9.57
N GLU A 150 12.22 -2.72 10.15
CA GLU A 150 11.99 -2.00 11.40
C GLU A 150 10.82 -1.05 11.29
N ASP A 151 10.72 -0.33 10.18
CA ASP A 151 9.59 0.59 9.95
C ASP A 151 8.28 -0.19 9.81
N ALA A 152 8.30 -1.31 9.11
CA ALA A 152 7.12 -2.14 8.94
C ALA A 152 6.68 -2.75 10.28
N LEU A 153 7.65 -3.14 11.11
CA LEU A 153 7.38 -3.76 12.40
C LEU A 153 6.72 -2.82 13.43
N ARG A 154 6.80 -1.51 13.19
CA ARG A 154 6.11 -0.51 14.04
C ARG A 154 4.60 -0.62 13.99
N PHE A 155 4.04 -1.05 12.87
CA PHE A 155 2.60 -1.14 12.71
C PHE A 155 2.02 -2.39 13.39
N LEU A 156 0.72 -2.35 13.71
CA LEU A 156 -0.01 -3.39 14.39
C LEU A 156 -0.07 -4.76 13.71
N PRO A 157 -0.12 -5.83 14.51
CA PRO A 157 -0.39 -7.16 13.99
C PRO A 157 -1.75 -7.21 13.22
N LEU A 158 -1.82 -8.09 12.20
CA LEU A 158 -3.02 -8.21 11.36
C LEU A 158 -4.29 -8.47 12.17
N ASP A 159 -4.20 -9.29 13.21
CA ASP A 159 -5.34 -9.60 14.08
C ASP A 159 -5.88 -8.37 14.81
N GLU A 160 -4.98 -7.50 15.30
CA GLU A 160 -5.39 -6.22 15.92
C GLU A 160 -6.11 -5.33 14.91
N GLN A 161 -5.57 -5.29 13.68
CA GLN A 161 -6.16 -4.49 12.59
C GLN A 161 -7.56 -4.98 12.27
N ILE A 162 -7.68 -6.30 12.09
CA ILE A 162 -8.96 -6.96 11.81
C ILE A 162 -9.97 -6.64 12.92
N ASN A 163 -9.53 -6.85 14.17
CA ASN A 163 -10.36 -6.56 15.34
C ASN A 163 -10.85 -5.08 15.42
N LEU A 164 -9.96 -4.10 15.19
CA LEU A 164 -10.33 -2.67 15.26
C LEU A 164 -11.34 -2.31 14.18
N LEU A 165 -11.19 -2.88 13.00
CA LEU A 165 -12.10 -2.65 11.90
C LEU A 165 -13.44 -3.27 12.23
N GLN A 166 -13.40 -4.54 12.62
CA GLN A 166 -14.58 -5.32 12.97
C GLN A 166 -15.41 -4.70 14.10
N GLU A 167 -14.75 -4.20 15.15
CA GLU A 167 -15.40 -3.48 16.25
C GLU A 167 -16.12 -2.19 15.85
N ASN A 168 -15.55 -1.45 14.89
CA ASN A 168 -16.09 -0.15 14.42
C ASN A 168 -16.92 -0.18 13.13
N THR A 169 -17.19 -1.38 12.63
CA THR A 169 -17.96 -1.62 11.41
C THR A 169 -19.22 -2.46 11.61
N LYS A 170 -19.18 -3.42 12.55
CA LYS A 170 -20.31 -4.33 12.82
C LYS A 170 -20.76 -5.10 11.52
N ARG A 171 -19.74 -5.52 10.78
CA ARG A 171 -19.86 -6.37 9.58
C ARG A 171 -18.69 -7.31 9.77
N ARG A 172 -18.81 -8.54 9.28
CA ARG A 172 -17.72 -9.51 9.42
C ARG A 172 -16.56 -9.00 8.56
N VAL A 173 -15.37 -9.05 9.15
CA VAL A 173 -14.14 -8.65 8.49
C VAL A 173 -13.37 -9.95 8.18
N GLU A 174 -12.89 -10.06 6.95
CA GLU A 174 -12.05 -11.16 6.48
C GLU A 174 -10.73 -10.60 5.98
N ALA A 175 -9.76 -11.48 5.79
CA ALA A 175 -8.42 -11.14 5.29
C ALA A 175 -7.90 -12.19 4.31
N ILE A 176 -7.17 -11.75 3.28
CA ILE A 176 -6.53 -12.68 2.31
C ILE A 176 -5.12 -12.20 1.99
N PRO A 177 -4.20 -13.12 1.69
CA PRO A 177 -2.89 -12.64 1.25
C PRO A 177 -2.91 -12.07 -0.16
N PHE A 178 -2.16 -10.99 -0.37
CA PHE A 178 -1.83 -10.55 -1.71
C PHE A 178 -0.35 -10.94 -1.85
N LEU A 179 -0.11 -12.07 -2.52
CA LEU A 179 1.24 -12.57 -2.79
C LEU A 179 1.75 -11.65 -3.89
N LEU A 180 3.01 -11.25 -3.78
CA LEU A 180 3.58 -10.30 -4.73
C LEU A 180 4.13 -10.99 -5.98
N PRO A 181 3.64 -10.62 -7.19
CA PRO A 181 4.30 -11.14 -8.40
C PRO A 181 5.72 -10.58 -8.51
N HIS A 182 6.55 -11.22 -9.31
CA HIS A 182 7.94 -10.80 -9.48
C HIS A 182 8.12 -9.55 -10.35
N ASP A 183 7.08 -9.17 -11.13
CA ASP A 183 7.15 -8.05 -12.11
C ASP A 183 6.14 -6.92 -11.86
N LEU A 184 5.90 -6.58 -10.60
CA LEU A 184 5.01 -5.47 -10.23
C LEU A 184 5.57 -4.13 -10.75
N SER A 185 4.67 -3.34 -11.34
CA SER A 185 4.99 -1.99 -11.85
C SER A 185 5.11 -0.98 -10.70
N ASP A 186 4.43 -1.26 -9.59
CA ASP A 186 4.34 -0.42 -8.42
C ASP A 186 5.51 -0.80 -7.50
N LEU A 187 6.55 0.03 -7.52
CA LEU A 187 7.79 -0.24 -6.80
C LEU A 187 7.77 0.27 -5.38
N PHE A 188 6.87 -0.31 -4.59
CA PHE A 188 6.83 -0.11 -3.15
C PHE A 188 7.97 -0.99 -2.54
N ALA A 189 8.22 -0.78 -1.25
CA ALA A 189 9.37 -1.33 -0.51
C ALA A 189 9.90 -2.73 -0.94
N ALA A 190 9.09 -3.78 -0.80
CA ALA A 190 9.50 -5.16 -1.15
C ALA A 190 9.14 -5.63 -2.57
N ALA A 191 8.66 -4.73 -3.44
CA ALA A 191 8.20 -5.08 -4.77
C ALA A 191 9.34 -5.56 -5.70
N ALA A 192 10.57 -5.04 -5.53
CA ALA A 192 11.72 -5.50 -6.33
C ALA A 192 12.46 -6.71 -5.68
N TRP A 193 11.70 -7.56 -4.96
CA TRP A 193 12.23 -8.78 -4.32
C TRP A 193 12.96 -9.78 -5.24
N ARG A 194 12.66 -9.78 -6.53
CA ARG A 194 13.35 -10.67 -7.47
C ARG A 194 14.24 -9.87 -8.43
N ARG A 195 14.38 -8.57 -8.19
CA ARG A 195 15.14 -7.65 -9.03
C ARG A 195 16.05 -6.78 -8.13
N PRO A 196 17.01 -7.41 -7.44
CA PRO A 196 17.83 -6.72 -6.43
C PRO A 196 18.54 -5.43 -6.89
N GLU A 197 18.95 -5.44 -8.16
CA GLU A 197 19.62 -4.32 -8.80
C GLU A 197 18.77 -3.04 -8.84
N LEU A 198 17.45 -3.17 -8.84
CA LEU A 198 16.58 -1.99 -8.83
C LEU A 198 16.77 -1.07 -7.62
N TYR A 199 17.12 -1.67 -6.48
CA TYR A 199 17.39 -0.92 -5.24
C TYR A 199 18.61 0.00 -5.32
N LEU A 200 19.53 -0.29 -6.23
CA LEU A 200 20.68 0.57 -6.46
C LEU A 200 20.29 1.88 -7.16
N LYS A 201 19.12 1.95 -7.79
CA LYS A 201 18.69 3.16 -8.51
C LYS A 201 18.06 4.17 -7.57
N ALA A 202 18.68 5.35 -7.49
CA ALA A 202 18.20 6.51 -6.69
C ALA A 202 16.71 6.79 -6.86
N GLU A 203 16.20 6.68 -8.09
CA GLU A 203 14.77 6.91 -8.36
C GLU A 203 13.87 5.86 -7.78
N VAL A 204 14.34 4.62 -7.68
CA VAL A 204 13.55 3.54 -7.08
C VAL A 204 13.45 3.83 -5.59
N ARG A 205 14.59 4.17 -4.98
CA ARG A 205 14.62 4.55 -3.55
C ARG A 205 13.81 5.81 -3.23
N ALA A 206 13.78 6.75 -4.18
CA ALA A 206 12.97 7.99 -4.11
C ALA A 206 11.46 7.71 -3.96
N GLY A 207 10.97 6.64 -4.59
CA GLY A 207 9.57 6.24 -4.46
C GLY A 207 9.23 5.43 -3.22
N ILE A 208 10.22 5.16 -2.35
CA ILE A 208 10.02 4.36 -1.12
C ILE A 208 10.48 5.29 0.03
N SER A 209 9.48 5.79 0.76
CA SER A 209 9.68 6.85 1.78
C SER A 209 10.62 6.47 2.91
N SER A 210 10.66 5.18 3.27
CA SER A 210 11.59 4.68 4.29
C SER A 210 13.06 5.02 3.99
N PHE A 211 13.47 5.03 2.72
CA PHE A 211 14.84 5.36 2.35
C PHE A 211 15.20 6.82 2.71
N ALA A 212 14.35 7.77 2.30
CA ALA A 212 14.57 9.21 2.60
C ALA A 212 14.58 9.45 4.12
N LEU A 213 13.66 8.78 4.81
CA LEU A 213 13.56 8.88 6.25
C LEU A 213 14.65 8.13 7.02
N ALA A 214 15.39 7.22 6.38
CA ALA A 214 16.42 6.41 7.08
C ALA A 214 17.70 7.21 7.24
N ASN A 215 18.57 6.78 8.17
CA ASN A 215 19.95 7.34 8.33
C ASN A 215 20.64 7.09 6.96
N GLN A 216 21.14 8.16 6.34
CA GLN A 216 21.69 8.05 4.99
CA GLN A 216 21.74 8.13 4.99
C GLN A 216 23.00 7.29 4.89
N ASP A 217 23.87 7.39 5.91
CA ASP A 217 25.11 6.59 5.92
C ASP A 217 24.75 5.09 5.94
N LEU A 218 23.67 4.74 6.64
CA LEU A 218 23.15 3.37 6.73
C LEU A 218 22.69 2.87 5.37
N VAL A 219 21.84 3.68 4.72
CA VAL A 219 21.37 3.37 3.34
C VAL A 219 22.57 3.13 2.42
N GLU A 220 23.53 4.04 2.51
CA GLU A 220 24.75 3.99 1.71
C GLU A 220 25.61 2.72 1.95
N LYS A 221 25.73 2.29 3.20
CA LYS A 221 26.43 1.04 3.53
C LYS A 221 25.68 -0.16 2.96
N GLY A 222 24.35 -0.13 3.02
CA GLY A 222 23.49 -1.16 2.37
C GLY A 222 23.69 -1.22 0.85
N LEU A 223 23.75 -0.05 0.23
CA LEU A 223 24.07 0.07 -1.21
C LEU A 223 25.45 -0.48 -1.55
N GLU A 224 26.45 -0.19 -0.72
CA GLU A 224 27.82 -0.68 -0.96
C GLU A 224 27.89 -2.19 -0.87
N LEU A 225 27.27 -2.74 0.18
CA LEU A 225 27.23 -4.19 0.41
C LEU A 225 26.42 -4.90 -0.67
N LEU A 226 25.27 -4.34 -1.04
CA LEU A 226 24.47 -4.92 -2.14
C LEU A 226 25.25 -4.94 -3.47
N THR A 227 25.92 -3.82 -3.79
CA THR A 227 26.72 -3.67 -5.02
C THR A 227 27.87 -4.69 -5.06
N ALA A 228 28.59 -4.85 -3.96
CA ALA A 228 29.69 -5.82 -3.86
C ALA A 228 29.15 -7.25 -4.04
N ASP A 229 28.11 -7.60 -3.28
CA ASP A 229 27.49 -8.93 -3.34
C ASP A 229 26.96 -9.30 -4.72
N LEU A 230 26.36 -8.33 -5.41
CA LEU A 230 25.87 -8.52 -6.79
C LEU A 230 27.01 -8.71 -7.80
N ASN A 231 28.16 -8.06 -7.56
CA ASN A 231 29.32 -8.13 -8.47
C ASN A 231 30.30 -9.28 -8.27
N ASN A 232 30.27 -9.95 -7.11
CA ASN A 232 31.20 -11.05 -6.82
C ASN A 232 30.48 -12.39 -6.61
N GLY A 233 29.25 -12.51 -7.11
CA GLY A 233 28.43 -13.72 -6.95
C GLY A 233 27.91 -14.04 -5.54
N GLU A 234 28.18 -13.21 -4.52
CA GLU A 234 27.74 -13.50 -3.14
C GLU A 234 26.22 -13.47 -2.95
N TRP A 235 25.56 -12.53 -3.61
CA TRP A 235 24.09 -12.45 -3.55
C TRP A 235 23.43 -13.74 -4.10
N ILE A 236 23.93 -14.20 -5.25
CA ILE A 236 23.45 -15.43 -5.89
C ILE A 236 23.69 -16.65 -4.99
N ARG A 237 24.88 -16.73 -4.43
CA ARG A 237 25.25 -17.80 -3.49
C ARG A 237 24.31 -17.83 -2.26
N LYS A 238 24.08 -16.67 -1.66
CA LYS A 238 23.24 -16.55 -0.47
C LYS A 238 21.74 -16.61 -0.72
N TYR A 239 21.29 -16.00 -1.82
CA TYR A 239 19.85 -15.82 -2.08
C TYR A 239 19.29 -16.22 -3.47
N GLY A 240 20.15 -16.71 -4.37
CA GLY A 240 19.80 -16.98 -5.77
C GLY A 240 18.58 -17.85 -6.09
N GLU A 241 18.22 -18.75 -5.18
CA GLU A 241 17.02 -19.61 -5.33
C GLU A 241 15.71 -18.86 -5.44
N ILE A 242 15.68 -17.64 -4.90
CA ILE A 242 14.49 -16.77 -4.97
C ILE A 242 14.09 -16.45 -6.43
N HIS A 243 15.06 -16.47 -7.35
CA HIS A 243 14.80 -16.22 -8.78
C HIS A 243 13.82 -17.22 -9.44
N HIS A 244 13.72 -18.44 -8.89
CA HIS A 244 12.81 -19.46 -9.43
C HIS A 244 11.36 -19.27 -9.01
N LEU A 245 11.09 -18.43 -8.00
CA LEU A 245 9.71 -18.17 -7.54
C LEU A 245 8.99 -17.17 -8.42
N GLN A 246 7.76 -17.46 -8.81
CA GLN A 246 6.94 -16.49 -9.58
C GLN A 246 6.26 -15.48 -8.66
N GLU A 247 6.03 -15.87 -7.40
CA GLU A 247 5.49 -14.97 -6.38
C GLU A 247 5.93 -15.34 -4.96
N ILE A 248 5.85 -14.37 -4.06
CA ILE A 248 6.30 -14.51 -2.68
C ILE A 248 5.38 -13.78 -1.69
N ASP A 249 5.29 -14.29 -0.46
CA ASP A 249 4.50 -13.67 0.58
C ASP A 249 5.41 -12.81 1.46
N ILE A 250 5.21 -11.50 1.38
CA ILE A 250 5.96 -10.54 2.21
C ILE A 250 5.00 -9.86 3.21
N GLY A 251 3.94 -10.59 3.59
CA GLY A 251 2.97 -10.13 4.57
C GLY A 251 1.93 -9.12 4.12
N TYR A 252 1.79 -8.89 2.80
CA TYR A 252 0.75 -8.00 2.30
C TYR A 252 -0.58 -8.72 2.34
N ARG A 253 -1.60 -8.01 2.84
CA ARG A 253 -2.92 -8.56 3.10
C ARG A 253 -4.05 -7.58 2.76
N PHE A 254 -5.12 -8.10 2.14
CA PHE A 254 -6.35 -7.34 1.98
C PHE A 254 -7.21 -7.67 3.19
N ILE A 255 -7.59 -6.63 3.94
CA ILE A 255 -8.59 -6.73 5.02
C ILE A 255 -9.84 -6.10 4.38
N TYR A 256 -10.99 -6.77 4.51
CA TYR A 256 -12.23 -6.31 3.93
C TYR A 256 -13.47 -6.79 4.65
N THR A 257 -14.50 -5.94 4.62
CA THR A 257 -15.80 -6.26 5.17
C THR A 257 -16.61 -7.17 4.23
N THR A 258 -17.45 -7.98 4.86
CA THR A 258 -18.39 -8.89 4.20
C THR A 258 -19.72 -8.74 4.95
N LEU A 259 -20.79 -9.30 4.37
CA LEU A 259 -22.16 -9.35 4.93
C LEU A 259 -22.26 -9.35 6.48
C1 EDO B . -0.94 8.63 3.42
O1 EDO B . -2.20 9.30 3.52
C2 EDO B . -0.90 7.86 2.11
O2 EDO B . 0.38 8.02 1.51
#